data_4CD5
#
_entry.id   4CD5
#
_cell.length_a   84.507
_cell.length_b   84.507
_cell.length_c   244.941
_cell.angle_alpha   90.00
_cell.angle_beta   90.00
_cell.angle_gamma   120.00
#
_symmetry.space_group_name_H-M   'P 61 2 2'
#
loop_
_entity.id
_entity.type
_entity.pdbx_description
1 polymer 'ENDO-1,4-BETA MANNANASE, PUTATIVE, MAN26C'
2 non-polymer 'SODIUM ION'
3 non-polymer beta-D-mannopyranose
4 non-polymer (5R,6R,7S,8R)-5-(HYDROXYMETHYL)-5,6,7,8-TETRAHYDROIMIDAZO[1,2-A]PYRIDINE-6,7,8-TRIOL
5 water water
#
_entity_poly.entity_id   1
_entity_poly.type   'polypeptide(L)'
_entity_poly.pdbx_seq_one_letter_code
;MSTSSISLSLMAALMLSAGLLLGCSEKPAESAAAVADSATTTAPQSGKPETALPALIDTQATAETRALYRNLAKLRYKHL
LFGHEDSLAYGVHWEGDMDRSDVRDVTGANPAVYGWELGGLELGHTANLDAVNFEKMQHWIKAGYSRGGVITISWHVFNP
VSGGNSWDKTPAVHELIPGGARHATLKAYLDTFVAFNEGLADVDAQGNKHYPPIIFRPWHEHNGDWFWWGKGHASEQDYI
ALWRFTVHYLRDEKKLRNLIYAYSPDRSRIDMANFEAGYLYGYPGDAYVDIIGLDNYWDVGHEANTASADEQKAALTASL
KQLVQIARSKGKIAALTETGNNRLTIDNFWTERLLGPISADADASEIAYVMVWRNANLAREKSEQFFAPFPGQATADDFK
RFYQSEVVLFEDELPPLYR
;
_entity_poly.pdbx_strand_id   A
#
loop_
_chem_comp.id
_chem_comp.type
_chem_comp.name
_chem_comp.formula
BMA D-saccharide, beta linking beta-D-mannopyranose 'C6 H12 O6'
MVL non-polymer (5R,6R,7S,8R)-5-(HYDROXYMETHYL)-5,6,7,8-TETRAHYDROIMIDAZO[1,2-A]PYRIDINE-6,7,8-TRIOL 'C8 H12 N2 O4'
NA non-polymer 'SODIUM ION' 'Na 1'
#
# COMPACT_ATOMS: atom_id res chain seq x y z
N LEU A 53 21.38 -3.00 4.93
CA LEU A 53 21.76 -1.92 5.89
C LEU A 53 20.55 -1.06 6.45
N PRO A 54 19.41 -0.87 5.73
CA PRO A 54 18.28 -0.24 6.40
C PRO A 54 17.79 -1.03 7.65
N ALA A 55 17.40 -0.30 8.69
CA ALA A 55 16.98 -0.91 9.95
C ALA A 55 15.55 -0.47 10.22
N LEU A 56 14.70 -1.39 10.69
CA LEU A 56 13.29 -1.07 11.05
C LEU A 56 13.21 -0.14 12.26
N ILE A 57 12.15 0.64 12.32
CA ILE A 57 11.88 1.42 13.53
C ILE A 57 11.48 0.56 14.72
N ASP A 58 11.01 -0.64 14.49
CA ASP A 58 10.80 -1.58 15.58
C ASP A 58 12.06 -2.41 15.76
N THR A 59 12.85 -2.03 16.76
CA THR A 59 14.09 -2.70 17.08
C THR A 59 13.91 -4.14 17.57
N GLN A 60 12.66 -4.51 17.90
CA GLN A 60 12.31 -5.83 18.41
C GLN A 60 11.40 -6.59 17.44
N ALA A 61 11.35 -6.15 16.18
CA ALA A 61 10.50 -6.81 15.18
C ALA A 61 10.76 -8.30 15.13
N THR A 62 9.73 -9.06 14.79
CA THR A 62 9.88 -10.49 14.68
C THR A 62 10.94 -10.87 13.65
N ALA A 63 11.45 -12.08 13.79
CA ALA A 63 12.48 -12.56 12.85
C ALA A 63 11.98 -12.45 11.40
N GLU A 64 10.73 -12.84 11.15
CA GLU A 64 10.17 -12.82 9.81
C GLU A 64 10.03 -11.39 9.28
N THR A 65 9.67 -10.47 10.16
CA THR A 65 9.51 -9.04 9.78
C THR A 65 10.86 -8.39 9.44
N ARG A 66 11.86 -8.66 10.28
CA ARG A 66 13.23 -8.21 10.02
CA ARG A 66 13.22 -8.20 10.03
C ARG A 66 13.75 -8.79 8.72
N ALA A 67 13.49 -10.08 8.51
CA ALA A 67 13.96 -10.73 7.28
C ALA A 67 13.29 -10.13 6.03
N LEU A 68 11.97 -9.87 6.10
CA LEU A 68 11.32 -9.23 4.95
C LEU A 68 12.00 -7.91 4.59
N TYR A 69 12.20 -7.06 5.59
CA TYR A 69 12.77 -5.75 5.31
C TYR A 69 14.17 -5.87 4.72
N ARG A 70 14.98 -6.76 5.30
CA ARG A 70 16.34 -6.99 4.80
C ARG A 70 16.32 -7.52 3.35
N ASN A 71 15.42 -8.47 3.08
CA ASN A 71 15.35 -9.07 1.76
C ASN A 71 14.80 -8.10 0.71
N LEU A 72 13.85 -7.24 1.09
CA LEU A 72 13.45 -6.16 0.18
C LEU A 72 14.61 -5.21 -0.14
N ALA A 73 15.39 -4.92 0.87
CA ALA A 73 16.53 -4.03 0.70
C ALA A 73 17.56 -4.59 -0.28
N LYS A 74 17.70 -5.91 -0.29
CA LYS A 74 18.61 -6.59 -1.20
C LYS A 74 18.05 -6.72 -2.63
N LEU A 75 16.77 -7.10 -2.75
CA LEU A 75 16.24 -7.39 -4.08
CA LEU A 75 16.11 -7.39 -4.03
C LEU A 75 15.91 -6.14 -4.88
N ARG A 76 15.79 -4.99 -4.22
CA ARG A 76 15.30 -3.78 -4.90
C ARG A 76 16.20 -3.31 -6.04
N TYR A 77 17.49 -3.65 -5.99
CA TYR A 77 18.40 -3.13 -7.02
C TYR A 77 18.09 -3.71 -8.38
N LYS A 78 17.81 -5.00 -8.43
CA LYS A 78 17.61 -5.70 -9.69
C LYS A 78 16.18 -6.10 -9.96
N HIS A 79 15.26 -5.93 -9.00
CA HIS A 79 13.92 -6.44 -9.13
C HIS A 79 12.89 -5.49 -8.58
N LEU A 80 11.64 -5.74 -8.98
CA LEU A 80 10.48 -4.99 -8.62
C LEU A 80 9.38 -6.02 -8.31
N LEU A 81 8.83 -6.04 -7.11
CA LEU A 81 7.69 -6.91 -6.80
C LEU A 81 6.37 -6.28 -7.28
N PHE A 82 5.51 -7.07 -7.89
CA PHE A 82 4.18 -6.59 -8.30
C PHE A 82 3.12 -6.88 -7.27
N GLY A 83 2.31 -5.87 -7.00
CA GLY A 83 1.18 -5.99 -6.08
C GLY A 83 -0.16 -5.63 -6.67
N HIS A 84 -1.19 -6.20 -6.05
CA HIS A 84 -2.60 -5.93 -6.42
C HIS A 84 -3.47 -5.90 -5.17
N GLU A 85 -4.36 -4.90 -5.10
CA GLU A 85 -5.33 -4.76 -4.02
C GLU A 85 -6.50 -5.73 -4.14
N ASP A 86 -6.90 -6.34 -3.01
CA ASP A 86 -8.07 -7.22 -2.92
C ASP A 86 -8.02 -8.38 -3.93
N SER A 87 -6.79 -8.85 -4.20
CA SER A 87 -6.61 -9.66 -5.39
C SER A 87 -7.29 -11.03 -5.30
N LEU A 88 -7.43 -11.58 -4.09
CA LEU A 88 -8.09 -12.85 -3.87
C LEU A 88 -9.59 -12.73 -3.50
N ALA A 89 -10.05 -11.52 -3.26
CA ALA A 89 -11.42 -11.37 -2.75
C ALA A 89 -12.49 -11.45 -3.81
N TYR A 90 -12.18 -10.95 -5.01
CA TYR A 90 -13.15 -10.83 -6.11
C TYR A 90 -12.34 -10.32 -7.31
N GLY A 91 -12.99 -10.38 -8.47
CA GLY A 91 -12.50 -9.73 -9.66
C GLY A 91 -13.65 -9.02 -10.35
N VAL A 92 -13.36 -8.51 -11.55
CA VAL A 92 -14.36 -7.75 -12.27
C VAL A 92 -15.63 -8.61 -12.56
N HIS A 93 -15.41 -9.88 -12.90
CA HIS A 93 -16.46 -10.80 -13.34
C HIS A 93 -16.74 -11.98 -12.45
N TRP A 94 -16.19 -12.01 -11.23
CA TRP A 94 -16.40 -13.14 -10.34
C TRP A 94 -16.30 -12.70 -8.89
N GLU A 95 -17.04 -13.42 -8.04
CA GLU A 95 -16.89 -13.28 -6.60
C GLU A 95 -17.42 -14.54 -5.94
N GLY A 96 -16.67 -15.04 -4.96
CA GLY A 96 -17.12 -16.17 -4.18
C GLY A 96 -16.10 -17.28 -4.05
N ASP A 97 -15.30 -17.47 -5.09
CA ASP A 97 -14.28 -18.50 -5.11
C ASP A 97 -13.29 -18.25 -3.96
N MET A 98 -12.93 -19.32 -3.27
CA MET A 98 -12.01 -19.18 -2.13
C MET A 98 -10.52 -19.12 -2.50
N ASP A 99 -10.14 -19.37 -3.76
CA ASP A 99 -8.73 -19.28 -4.19
C ASP A 99 -8.62 -18.92 -5.67
N ARG A 100 -8.86 -17.66 -5.96
CA ARG A 100 -8.82 -17.14 -7.33
C ARG A 100 -8.35 -15.68 -7.33
N SER A 101 -7.76 -15.28 -8.46
CA SER A 101 -7.36 -13.89 -8.68
C SER A 101 -7.45 -13.56 -10.16
N ASP A 102 -7.94 -12.38 -10.51
CA ASP A 102 -7.83 -11.92 -11.91
C ASP A 102 -6.39 -11.97 -12.43
N VAL A 103 -5.43 -11.61 -11.58
CA VAL A 103 -4.01 -11.57 -11.96
C VAL A 103 -3.52 -12.95 -12.34
N ARG A 104 -3.89 -13.95 -11.54
CA ARG A 104 -3.48 -15.32 -11.80
C ARG A 104 -4.24 -15.88 -13.02
N ASP A 105 -5.48 -15.49 -13.24
CA ASP A 105 -6.22 -15.94 -14.40
C ASP A 105 -5.56 -15.48 -15.69
N VAL A 106 -4.89 -14.32 -15.68
CA VAL A 106 -4.19 -13.81 -16.85
C VAL A 106 -2.80 -14.44 -17.01
N THR A 107 -2.02 -14.45 -15.93
CA THR A 107 -0.60 -14.78 -16.00
C THR A 107 -0.21 -16.18 -15.58
N GLY A 108 -1.06 -16.84 -14.81
CA GLY A 108 -0.78 -18.09 -14.13
C GLY A 108 -0.14 -17.93 -12.76
N ALA A 109 0.10 -16.69 -12.33
CA ALA A 109 0.78 -16.41 -11.06
C ALA A 109 -0.02 -15.38 -10.25
N ASN A 110 0.00 -15.56 -8.94
CA ASN A 110 -0.50 -14.55 -8.02
C ASN A 110 0.42 -13.34 -7.97
N PRO A 111 -0.12 -12.18 -7.57
CA PRO A 111 0.80 -11.07 -7.27
C PRO A 111 1.77 -11.45 -6.16
N ALA A 112 2.94 -10.81 -6.16
CA ALA A 112 3.91 -10.96 -5.07
C ALA A 112 3.45 -10.23 -3.79
N VAL A 113 2.79 -9.09 -3.97
CA VAL A 113 2.32 -8.25 -2.86
C VAL A 113 0.80 -8.25 -2.93
N TYR A 114 0.15 -8.56 -1.80
CA TYR A 114 -1.30 -8.54 -1.64
C TYR A 114 -1.68 -7.34 -0.78
N GLY A 115 -2.41 -6.41 -1.36
CA GLY A 115 -2.99 -5.30 -0.62
C GLY A 115 -4.38 -5.63 -0.09
N TRP A 116 -4.65 -5.16 1.12
CA TRP A 116 -5.95 -5.33 1.80
C TRP A 116 -6.28 -4.00 2.49
N GLU A 117 -7.56 -3.87 2.84
CA GLU A 117 -8.12 -2.58 3.27
C GLU A 117 -9.05 -2.78 4.47
N LEU A 118 -8.85 -2.00 5.53
CA LEU A 118 -9.59 -2.22 6.79
C LEU A 118 -10.80 -1.34 7.04
N GLY A 119 -11.11 -0.37 6.18
CA GLY A 119 -12.17 0.58 6.48
C GLY A 119 -13.46 -0.10 6.87
N GLY A 120 -13.99 0.29 8.04
CA GLY A 120 -15.16 -0.35 8.62
C GLY A 120 -14.88 -1.25 9.81
N LEU A 121 -13.64 -1.77 9.87
CA LEU A 121 -13.22 -2.58 11.02
C LEU A 121 -13.43 -1.82 12.32
N GLU A 122 -13.10 -0.54 12.30
CA GLU A 122 -13.18 0.30 13.50
C GLU A 122 -14.59 0.51 14.01
N LEU A 123 -15.55 0.26 13.14
CA LEU A 123 -16.98 0.37 13.49
C LEU A 123 -17.63 -0.97 13.94
N GLY A 124 -16.79 -2.00 13.97
CA GLY A 124 -17.24 -3.34 14.34
C GLY A 124 -18.02 -4.07 13.26
N HIS A 125 -17.88 -3.62 12.04
CA HIS A 125 -18.51 -4.28 10.90
C HIS A 125 -17.94 -5.66 10.65
N THR A 126 -18.75 -6.55 10.11
CA THR A 126 -18.39 -7.91 9.71
CA THR A 126 -18.22 -7.87 9.80
C THR A 126 -17.54 -7.92 8.43
N ALA A 127 -17.75 -6.90 7.60
CA ALA A 127 -17.05 -6.75 6.31
C ALA A 127 -16.63 -5.29 6.13
N ASN A 128 -15.62 -5.10 5.28
CA ASN A 128 -15.07 -3.77 5.06
C ASN A 128 -15.99 -2.95 4.15
N LEU A 129 -15.51 -1.74 3.84
CA LEU A 129 -16.35 -0.79 3.09
C LEU A 129 -16.68 -1.23 1.65
N ASP A 130 -15.94 -2.22 1.14
CA ASP A 130 -16.20 -2.82 -0.16
C ASP A 130 -16.77 -4.23 -0.06
N ALA A 131 -17.31 -4.53 1.11
CA ALA A 131 -18.00 -5.81 1.37
C ALA A 131 -17.07 -7.01 1.39
N VAL A 132 -15.79 -6.80 1.75
CA VAL A 132 -14.86 -7.91 1.94
C VAL A 132 -14.99 -8.38 3.40
N ASN A 133 -15.46 -9.61 3.56
CA ASN A 133 -15.68 -10.18 4.89
C ASN A 133 -14.34 -10.29 5.62
N PHE A 134 -14.27 -9.81 6.88
CA PHE A 134 -12.98 -9.75 7.60
C PHE A 134 -12.42 -11.14 7.94
N GLU A 135 -13.28 -12.09 8.28
CA GLU A 135 -12.81 -13.45 8.53
CA GLU A 135 -12.79 -13.47 8.52
C GLU A 135 -12.17 -14.05 7.26
N LYS A 136 -12.83 -13.88 6.12
CA LYS A 136 -12.28 -14.36 4.85
C LYS A 136 -10.94 -13.64 4.54
N MET A 137 -10.92 -12.34 4.85
CA MET A 137 -9.68 -11.56 4.65
C MET A 137 -8.52 -12.14 5.48
N GLN A 138 -8.80 -12.50 6.73
CA GLN A 138 -7.76 -13.12 7.56
C GLN A 138 -7.26 -14.39 6.91
N HIS A 139 -8.18 -15.25 6.42
CA HIS A 139 -7.75 -16.46 5.79
CA HIS A 139 -7.81 -16.49 5.72
C HIS A 139 -6.97 -16.22 4.48
N TRP A 140 -7.39 -15.22 3.70
CA TRP A 140 -6.67 -14.90 2.46
C TRP A 140 -5.25 -14.34 2.73
N ILE A 141 -5.11 -13.53 3.79
CA ILE A 141 -3.79 -13.02 4.22
C ILE A 141 -2.90 -14.21 4.61
N LYS A 142 -3.46 -15.11 5.44
CA LYS A 142 -2.68 -16.28 5.83
C LYS A 142 -2.28 -17.14 4.63
N ALA A 143 -3.19 -17.31 3.69
CA ALA A 143 -2.92 -18.12 2.51
C ALA A 143 -1.80 -17.50 1.65
N GLY A 144 -1.90 -16.21 1.38
CA GLY A 144 -0.86 -15.54 0.59
C GLY A 144 0.50 -15.60 1.28
N TYR A 145 0.52 -15.31 2.57
CA TYR A 145 1.75 -15.40 3.34
C TYR A 145 2.35 -16.79 3.32
N SER A 146 1.48 -17.81 3.44
CA SER A 146 1.93 -19.21 3.41
CA SER A 146 1.97 -19.19 3.43
C SER A 146 2.67 -19.58 2.11
N ARG A 147 2.30 -18.92 1.01
CA ARG A 147 2.95 -19.13 -0.28
C ARG A 147 4.19 -18.26 -0.48
N GLY A 148 4.51 -17.43 0.51
CA GLY A 148 5.67 -16.57 0.45
C GLY A 148 5.42 -15.14 -0.02
N GLY A 149 4.15 -14.78 -0.26
CA GLY A 149 3.80 -13.43 -0.64
C GLY A 149 3.95 -12.43 0.49
N VAL A 150 3.85 -11.16 0.11
CA VAL A 150 3.98 -10.02 1.00
C VAL A 150 2.59 -9.40 1.22
N ILE A 151 2.33 -8.94 2.44
CA ILE A 151 1.02 -8.40 2.86
C ILE A 151 1.18 -6.89 3.15
N THR A 152 0.31 -6.09 2.56
CA THR A 152 0.20 -4.68 2.89
C THR A 152 -1.23 -4.29 3.15
N ILE A 153 -1.42 -3.38 4.10
CA ILE A 153 -2.74 -2.99 4.56
C ILE A 153 -2.89 -1.48 4.63
N SER A 154 -3.96 -0.98 4.01
CA SER A 154 -4.36 0.43 4.13
C SER A 154 -5.66 0.52 4.93
N TRP A 155 -6.06 1.75 5.27
CA TRP A 155 -7.20 1.93 6.19
C TRP A 155 -7.90 3.25 5.89
N HIS A 156 -8.98 3.15 5.12
CA HIS A 156 -9.82 4.29 4.82
C HIS A 156 -10.78 4.43 6.00
N VAL A 157 -10.29 5.06 7.06
CA VAL A 157 -11.06 5.15 8.33
C VAL A 157 -12.30 6.05 8.16
N PHE A 158 -13.44 5.58 8.67
CA PHE A 158 -14.66 6.38 8.64
C PHE A 158 -14.50 7.61 9.55
N ASN A 159 -15.23 8.68 9.22
CA ASN A 159 -15.17 9.90 9.99
C ASN A 159 -15.88 9.71 11.32
N PRO A 160 -15.17 9.82 12.44
CA PRO A 160 -15.83 9.53 13.73
C PRO A 160 -16.82 10.60 14.18
N VAL A 161 -16.60 11.82 13.68
CA VAL A 161 -17.48 12.91 14.10
C VAL A 161 -18.84 12.81 13.43
N SER A 162 -18.86 12.55 12.14
CA SER A 162 -20.13 12.53 11.41
C SER A 162 -20.68 11.13 11.17
N GLY A 163 -19.85 10.11 11.26
CA GLY A 163 -20.26 8.78 10.82
C GLY A 163 -20.17 8.58 9.29
N GLY A 164 -19.74 9.60 8.57
CA GLY A 164 -19.50 9.45 7.12
C GLY A 164 -18.22 8.68 6.84
N ASN A 165 -17.92 8.48 5.57
CA ASN A 165 -16.71 7.78 5.17
C ASN A 165 -15.47 8.68 5.11
N SER A 166 -14.33 8.16 4.62
CA SER A 166 -13.08 8.93 4.64
C SER A 166 -13.14 10.21 3.83
N TRP A 167 -14.06 10.26 2.86
CA TRP A 167 -14.22 11.42 1.98
C TRP A 167 -15.14 12.49 2.57
N ASP A 168 -15.72 12.20 3.73
CA ASP A 168 -16.50 13.21 4.49
C ASP A 168 -15.43 14.05 5.22
N LYS A 169 -15.35 15.32 4.86
CA LYS A 169 -14.25 16.17 5.30
C LYS A 169 -14.51 16.90 6.62
N THR A 170 -15.54 16.48 7.37
CA THR A 170 -15.82 17.07 8.69
C THR A 170 -14.53 16.93 9.54
N PRO A 171 -14.03 18.04 10.13
CA PRO A 171 -12.75 17.92 10.84
C PRO A 171 -12.80 16.96 12.02
N ALA A 172 -11.76 16.17 12.14
CA ALA A 172 -11.67 15.17 13.20
C ALA A 172 -10.27 14.99 13.80
N VAL A 173 -9.20 15.29 13.04
CA VAL A 173 -7.88 14.93 13.58
C VAL A 173 -7.57 15.62 14.91
N HIS A 174 -7.90 16.91 15.01
CA HIS A 174 -7.59 17.65 16.22
C HIS A 174 -8.22 16.99 17.44
N GLU A 175 -9.42 16.42 17.28
CA GLU A 175 -10.13 15.73 18.35
CA GLU A 175 -10.09 15.76 18.39
C GLU A 175 -9.52 14.36 18.69
N LEU A 176 -8.89 13.72 17.70
CA LEU A 176 -8.41 12.34 17.89
C LEU A 176 -7.05 12.23 18.55
N ILE A 177 -6.17 13.23 18.34
CA ILE A 177 -4.81 13.17 18.83
C ILE A 177 -4.75 13.29 20.35
N PRO A 178 -3.60 12.96 20.95
CA PRO A 178 -3.51 13.10 22.40
C PRO A 178 -3.94 14.50 22.84
N GLY A 179 -4.73 14.55 23.91
CA GLY A 179 -5.28 15.81 24.40
C GLY A 179 -6.61 16.21 23.77
N GLY A 180 -6.97 15.57 22.67
CA GLY A 180 -8.23 15.87 22.01
C GLY A 180 -9.40 15.14 22.65
N ALA A 181 -10.59 15.71 22.51
CA ALA A 181 -11.77 15.13 23.16
C ALA A 181 -12.11 13.72 22.72
N ARG A 182 -11.78 13.37 21.47
CA ARG A 182 -12.05 12.01 20.97
CA ARG A 182 -12.03 12.03 20.96
C ARG A 182 -10.82 11.12 20.99
N HIS A 183 -9.85 11.40 21.86
CA HIS A 183 -8.68 10.53 21.86
C HIS A 183 -9.03 9.08 22.22
N ALA A 184 -10.05 8.86 23.07
CA ALA A 184 -10.52 7.53 23.38
C ALA A 184 -11.01 6.79 22.14
N THR A 185 -11.61 7.52 21.22
CA THR A 185 -12.05 6.93 19.97
C THR A 185 -10.85 6.40 19.17
N LEU A 186 -9.79 7.20 19.07
CA LEU A 186 -8.59 6.76 18.31
C LEU A 186 -8.03 5.47 18.89
N LYS A 187 -7.97 5.39 20.22
CA LYS A 187 -7.52 4.17 20.85
C LYS A 187 -8.43 2.98 20.55
N ALA A 188 -9.76 3.20 20.65
CA ALA A 188 -10.70 2.13 20.34
C ALA A 188 -10.56 1.66 18.89
N TYR A 189 -10.40 2.60 17.98
CA TYR A 189 -10.21 2.24 16.57
C TYR A 189 -8.96 1.39 16.37
N LEU A 190 -7.84 1.84 16.92
CA LEU A 190 -6.59 1.09 16.75
C LEU A 190 -6.71 -0.29 17.43
N ASP A 191 -7.44 -0.37 18.55
CA ASP A 191 -7.64 -1.65 19.20
C ASP A 191 -8.34 -2.69 18.28
N THR A 192 -9.20 -2.23 17.38
CA THR A 192 -9.82 -3.17 16.44
C THR A 192 -8.79 -3.80 15.50
N PHE A 193 -7.75 -3.06 15.13
CA PHE A 193 -6.66 -3.64 14.31
C PHE A 193 -5.83 -4.62 15.13
N VAL A 194 -5.57 -4.28 16.39
CA VAL A 194 -4.83 -5.20 17.24
C VAL A 194 -5.56 -6.53 17.26
N ALA A 195 -6.88 -6.49 17.44
CA ALA A 195 -7.68 -7.72 17.46
C ALA A 195 -7.68 -8.47 16.11
N PHE A 196 -7.78 -7.73 15.03
CA PHE A 196 -7.71 -8.32 13.68
C PHE A 196 -6.38 -9.07 13.49
N ASN A 197 -5.29 -8.39 13.87
CA ASN A 197 -3.95 -8.96 13.77
C ASN A 197 -3.81 -10.26 14.57
N GLU A 198 -4.49 -10.34 15.73
CA GLU A 198 -4.46 -11.60 16.49
C GLU A 198 -5.05 -12.76 15.72
N GLY A 199 -6.04 -12.47 14.86
CA GLY A 199 -6.65 -13.51 14.02
C GLY A 199 -5.79 -13.94 12.87
N LEU A 200 -4.57 -13.38 12.77
CA LEU A 200 -3.58 -13.82 11.79
C LEU A 200 -2.52 -14.72 12.39
N ALA A 201 -2.56 -14.90 13.72
CA ALA A 201 -1.45 -15.59 14.40
C ALA A 201 -1.60 -17.11 14.29
N ASP A 202 -0.47 -17.79 14.35
CA ASP A 202 -0.41 -19.21 14.56
C ASP A 202 0.50 -19.48 15.74
N VAL A 203 0.37 -20.65 16.34
CA VAL A 203 1.23 -21.04 17.46
C VAL A 203 1.88 -22.37 17.12
N ASP A 204 3.21 -22.40 17.18
CA ASP A 204 3.98 -23.58 16.80
C ASP A 204 3.99 -24.63 17.93
N ALA A 205 4.63 -25.76 17.65
CA ALA A 205 4.70 -26.87 18.59
C ALA A 205 5.38 -26.52 19.92
N GLN A 206 6.26 -25.53 19.89
CA GLN A 206 6.95 -25.13 21.11
C GLN A 206 6.16 -24.09 21.91
N GLY A 207 5.03 -23.62 21.36
CA GLY A 207 4.18 -22.64 22.05
C GLY A 207 4.45 -21.20 21.67
N ASN A 208 5.30 -21.00 20.68
CA ASN A 208 5.61 -19.66 20.22
C ASN A 208 4.67 -19.17 19.11
N LYS A 209 4.31 -17.91 19.23
CA LYS A 209 3.34 -17.30 18.35
C LYS A 209 4.04 -16.69 17.16
N HIS A 210 3.45 -16.87 15.99
CA HIS A 210 3.96 -16.30 14.77
C HIS A 210 2.88 -15.56 13.99
N TYR A 211 3.30 -14.51 13.32
CA TYR A 211 2.39 -13.65 12.54
C TYR A 211 2.95 -13.42 11.14
N PRO A 212 2.08 -13.14 10.18
CA PRO A 212 2.60 -12.56 8.93
C PRO A 212 3.12 -11.12 9.20
N PRO A 213 4.30 -10.77 8.67
CA PRO A 213 4.65 -9.34 8.60
C PRO A 213 3.61 -8.60 7.78
N ILE A 214 3.35 -7.36 8.17
CA ILE A 214 2.42 -6.50 7.47
C ILE A 214 3.11 -5.16 7.20
N ILE A 215 3.08 -4.71 5.94
CA ILE A 215 3.42 -3.32 5.62
C ILE A 215 2.13 -2.50 5.84
N PHE A 216 2.10 -1.79 6.96
CA PHE A 216 0.94 -1.04 7.40
C PHE A 216 1.07 0.40 6.88
N ARG A 217 0.07 0.83 6.11
CA ARG A 217 0.14 2.09 5.36
C ARG A 217 -1.07 2.97 5.68
N PRO A 218 -1.06 3.60 6.87
CA PRO A 218 -2.22 4.37 7.32
C PRO A 218 -2.17 5.82 6.84
N TRP A 219 -3.32 6.48 6.97
CA TRP A 219 -3.35 7.93 6.85
C TRP A 219 -2.72 8.41 5.53
N HIS A 220 -3.04 7.73 4.44
CA HIS A 220 -2.37 7.96 3.17
C HIS A 220 -2.85 9.21 2.46
N GLU A 221 -2.02 9.69 1.52
CA GLU A 221 -2.39 10.82 0.64
C GLU A 221 -2.79 12.04 1.45
N HIS A 222 -2.07 12.26 2.53
CA HIS A 222 -2.42 13.32 3.50
C HIS A 222 -2.10 14.73 2.99
N ASN A 223 -1.32 14.83 1.90
CA ASN A 223 -1.06 16.10 1.25
C ASN A 223 -2.17 16.51 0.28
N GLY A 224 -3.09 15.58 -0.01
CA GLY A 224 -4.32 15.86 -0.71
C GLY A 224 -5.37 16.43 0.24
N ASP A 225 -6.47 16.91 -0.33
CA ASP A 225 -7.56 17.48 0.45
C ASP A 225 -8.86 16.67 0.40
N TRP A 226 -8.75 15.42 -0.03
CA TRP A 226 -9.93 14.59 -0.23
C TRP A 226 -10.36 13.76 0.99
N PHE A 227 -9.41 13.46 1.89
CA PHE A 227 -9.71 12.72 3.10
C PHE A 227 -9.78 13.67 4.28
N TRP A 228 -10.51 13.27 5.32
CA TRP A 228 -10.64 14.16 6.50
C TRP A 228 -9.33 14.37 7.26
N TRP A 229 -8.32 13.49 7.06
CA TRP A 229 -6.97 13.71 7.61
C TRP A 229 -6.04 14.51 6.70
N GLY A 230 -6.59 15.02 5.60
CA GLY A 230 -5.83 15.75 4.59
C GLY A 230 -5.64 17.23 4.85
N LYS A 231 -4.80 17.81 4.00
CA LYS A 231 -4.46 19.22 4.00
CA LYS A 231 -4.47 19.22 4.00
C LYS A 231 -5.76 20.02 3.84
N GLY A 232 -5.92 21.03 4.68
CA GLY A 232 -7.14 21.83 4.71
C GLY A 232 -8.15 21.41 5.78
N HIS A 233 -8.03 20.16 6.25
CA HIS A 233 -8.96 19.60 7.25
C HIS A 233 -8.29 19.25 8.56
N ALA A 234 -6.96 19.12 8.50
CA ALA A 234 -6.09 18.89 9.66
C ALA A 234 -4.86 19.77 9.50
N SER A 235 -4.39 20.36 10.59
CA SER A 235 -3.12 21.10 10.50
C SER A 235 -1.96 20.12 10.33
N GLU A 236 -0.85 20.62 9.77
CA GLU A 236 0.32 19.77 9.55
C GLU A 236 0.78 19.16 10.89
N GLN A 237 0.82 19.99 11.94
CA GLN A 237 1.31 19.54 13.23
C GLN A 237 0.38 18.50 13.83
N ASP A 238 -0.93 18.66 13.60
CA ASP A 238 -1.89 17.68 14.11
C ASP A 238 -1.78 16.35 13.35
N TYR A 239 -1.56 16.40 12.03
CA TYR A 239 -1.30 15.20 11.27
C TYR A 239 -0.11 14.44 11.83
N ILE A 240 1.00 15.16 12.03
CA ILE A 240 2.19 14.56 12.61
C ILE A 240 1.89 13.91 13.96
N ALA A 241 1.13 14.61 14.80
CA ALA A 241 0.76 14.02 16.10
C ALA A 241 -0.09 12.74 15.96
N LEU A 242 -0.95 12.73 14.97
CA LEU A 242 -1.78 11.56 14.68
C LEU A 242 -0.92 10.36 14.29
N TRP A 243 0.00 10.60 13.35
CA TRP A 243 0.89 9.54 12.91
C TRP A 243 1.74 9.04 14.08
N ARG A 244 2.37 9.97 14.80
CA ARG A 244 3.27 9.57 15.90
C ARG A 244 2.49 8.76 16.93
N PHE A 245 1.26 9.15 17.25
CA PHE A 245 0.48 8.38 18.21
C PHE A 245 0.19 6.98 17.68
N THR A 246 -0.16 6.89 16.40
CA THR A 246 -0.45 5.60 15.80
C THR A 246 0.73 4.62 16.02
N VAL A 247 1.96 5.09 15.76
CA VAL A 247 3.15 4.29 15.95
C VAL A 247 3.37 4.00 17.45
N HIS A 248 3.33 5.04 18.29
CA HIS A 248 3.56 4.79 19.71
C HIS A 248 2.55 3.76 20.25
N TYR A 249 1.29 3.90 19.84
CA TYR A 249 0.24 3.02 20.38
C TYR A 249 0.42 1.57 19.93
N LEU A 250 0.60 1.38 18.61
CA LEU A 250 0.73 0.03 18.09
C LEU A 250 2.08 -0.63 18.44
N ARG A 251 3.19 0.11 18.29
CA ARG A 251 4.48 -0.47 18.54
C ARG A 251 4.82 -0.55 20.02
N ASP A 252 4.51 0.50 20.77
CA ASP A 252 5.01 0.62 22.14
C ASP A 252 4.00 0.24 23.21
N GLU A 253 2.76 0.67 23.06
CA GLU A 253 1.76 0.34 24.07
CA GLU A 253 1.73 0.36 24.06
C GLU A 253 1.19 -1.07 23.85
N LYS A 254 0.83 -1.38 22.61
CA LYS A 254 0.25 -2.68 22.26
C LYS A 254 1.28 -3.74 21.90
N LYS A 255 2.52 -3.32 21.66
CA LYS A 255 3.64 -4.22 21.44
C LYS A 255 3.45 -5.13 20.23
N LEU A 256 2.88 -4.58 19.15
CA LEU A 256 2.89 -5.31 17.88
C LEU A 256 4.32 -5.27 17.31
N ARG A 257 4.79 -6.46 16.89
CA ARG A 257 6.15 -6.68 16.45
C ARG A 257 6.25 -7.12 15.01
N ASN A 258 5.12 -7.14 14.31
CA ASN A 258 5.06 -7.66 12.95
C ASN A 258 4.68 -6.58 11.93
N LEU A 259 4.89 -5.31 12.27
CA LEU A 259 4.61 -4.18 11.37
C LEU A 259 5.85 -3.47 10.81
N ILE A 260 5.67 -3.08 9.56
CA ILE A 260 6.59 -2.22 8.80
C ILE A 260 5.75 -1.02 8.38
N TYR A 261 6.14 0.20 8.73
CA TYR A 261 5.26 1.37 8.56
C TYR A 261 5.59 2.12 7.26
N ALA A 262 4.56 2.31 6.41
CA ALA A 262 4.72 2.97 5.11
C ALA A 262 4.01 4.30 5.04
N TYR A 263 4.75 5.31 4.62
CA TYR A 263 4.31 6.70 4.43
C TYR A 263 4.02 6.93 2.94
N SER A 264 2.88 7.54 2.59
CA SER A 264 2.47 7.58 1.18
C SER A 264 1.70 8.84 0.76
N PRO A 265 2.45 9.95 0.55
CA PRO A 265 1.86 11.12 -0.08
C PRO A 265 1.40 10.83 -1.50
N ASP A 266 0.51 11.68 -1.98
CA ASP A 266 0.06 11.65 -3.37
C ASP A 266 0.92 12.57 -4.27
N ARG A 267 1.45 12.00 -5.36
CA ARG A 267 2.26 12.73 -6.35
CA ARG A 267 2.31 12.76 -6.26
C ARG A 267 1.58 13.95 -6.91
N SER A 268 0.26 13.84 -7.13
CA SER A 268 -0.47 14.87 -7.86
C SER A 268 -0.47 16.20 -7.13
N ARG A 269 -0.21 16.19 -5.83
CA ARG A 269 -0.15 17.40 -5.05
C ARG A 269 1.25 17.80 -4.61
N ILE A 270 2.26 17.23 -5.27
CA ILE A 270 3.68 17.63 -5.09
C ILE A 270 4.16 18.43 -6.31
N ASP A 271 4.79 19.58 -6.05
CA ASP A 271 5.41 20.43 -7.07
C ASP A 271 6.71 19.79 -7.50
N MET A 272 6.78 19.39 -8.75
CA MET A 272 7.97 18.72 -9.27
C MET A 272 9.25 19.57 -9.25
N ALA A 273 9.09 20.89 -9.20
CA ALA A 273 10.23 21.79 -9.02
C ALA A 273 10.80 21.81 -7.60
N ASN A 274 10.03 21.31 -6.63
CA ASN A 274 10.36 21.34 -5.22
CA ASN A 274 10.41 21.30 -5.22
C ASN A 274 9.86 20.02 -4.60
N PHE A 275 10.35 18.90 -5.13
CA PHE A 275 9.76 17.61 -4.80
C PHE A 275 9.94 17.24 -3.34
N GLU A 276 11.15 17.38 -2.82
CA GLU A 276 11.45 16.93 -1.46
C GLU A 276 10.57 17.70 -0.43
N ALA A 277 10.49 19.02 -0.60
CA ALA A 277 9.70 19.82 0.32
C ALA A 277 8.24 19.38 0.31
N GLY A 278 7.71 19.13 -0.87
CA GLY A 278 6.33 18.67 -1.00
C GLY A 278 6.10 17.26 -0.42
N TYR A 279 7.06 16.38 -0.69
CA TYR A 279 6.98 15.03 -0.17
C TYR A 279 6.97 14.97 1.35
N LEU A 280 7.76 15.87 1.94
CA LEU A 280 7.96 15.90 3.38
C LEU A 280 6.93 16.76 4.13
N TYR A 281 5.91 17.29 3.44
CA TYR A 281 4.76 17.91 4.13
C TYR A 281 4.11 16.86 5.01
N GLY A 282 4.03 17.13 6.31
CA GLY A 282 3.44 16.17 7.24
C GLY A 282 4.31 14.97 7.57
N TYR A 283 5.60 14.97 7.18
CA TYR A 283 6.45 13.81 7.47
C TYR A 283 6.70 13.76 8.97
N PRO A 284 6.47 12.60 9.59
CA PRO A 284 6.47 12.53 11.06
C PRO A 284 7.84 12.32 11.69
N GLY A 285 8.84 12.00 10.87
CA GLY A 285 10.24 11.76 11.31
C GLY A 285 10.68 10.33 11.06
N ASP A 286 12.00 10.19 10.95
CA ASP A 286 12.59 8.90 10.61
C ASP A 286 12.31 7.81 11.64
N ALA A 287 12.02 8.17 12.90
CA ALA A 287 11.69 7.16 13.93
C ALA A 287 10.28 6.61 13.82
N TYR A 288 9.56 7.04 12.79
CA TYR A 288 8.16 6.69 12.62
C TYR A 288 7.80 6.07 11.28
N VAL A 289 8.80 5.92 10.40
CA VAL A 289 8.58 5.47 9.01
C VAL A 289 9.65 4.46 8.63
N ASP A 290 9.23 3.37 7.98
CA ASP A 290 10.15 2.38 7.40
C ASP A 290 10.19 2.41 5.87
N ILE A 291 9.04 2.65 5.22
CA ILE A 291 8.96 2.68 3.76
CA ILE A 291 8.92 2.67 3.75
C ILE A 291 8.55 4.07 3.30
N ILE A 292 9.37 4.60 2.39
CA ILE A 292 9.17 5.89 1.77
C ILE A 292 8.34 5.60 0.50
N GLY A 293 7.02 5.69 0.66
CA GLY A 293 6.06 5.35 -0.39
C GLY A 293 5.58 6.55 -1.16
N LEU A 294 4.76 6.26 -2.15
CA LEU A 294 4.24 7.29 -3.04
C LEU A 294 3.03 6.71 -3.77
N ASP A 295 1.93 7.48 -3.82
CA ASP A 295 0.78 7.12 -4.61
C ASP A 295 0.82 8.00 -5.86
N ASN A 296 1.03 7.39 -7.03
CA ASN A 296 1.20 8.15 -8.27
C ASN A 296 0.38 7.53 -9.40
N TYR A 297 -0.85 8.00 -9.49
CA TYR A 297 -1.74 7.75 -10.62
C TYR A 297 -1.62 8.85 -11.67
N TRP A 298 -0.97 9.94 -11.32
CA TRP A 298 -0.96 11.13 -12.14
C TRP A 298 -0.11 10.95 -13.41
N ASP A 299 1.11 10.43 -13.26
CA ASP A 299 2.09 10.33 -14.37
C ASP A 299 1.90 9.07 -15.22
N VAL A 300 0.85 8.29 -14.94
CA VAL A 300 0.53 7.08 -15.68
C VAL A 300 -0.82 7.23 -16.41
N GLY A 301 -1.20 8.47 -16.72
CA GLY A 301 -2.25 8.72 -17.66
C GLY A 301 -3.57 9.19 -17.09
N HIS A 302 -3.56 9.69 -15.86
CA HIS A 302 -4.79 10.19 -15.21
C HIS A 302 -5.55 11.14 -16.17
N GLU A 303 -6.86 10.95 -16.30
CA GLU A 303 -7.67 11.71 -17.28
C GLU A 303 -7.54 13.25 -17.16
N ALA A 304 -7.33 13.77 -15.95
CA ALA A 304 -7.20 15.21 -15.71
C ALA A 304 -5.83 15.81 -16.02
N ASN A 305 -4.82 14.95 -16.21
CA ASN A 305 -3.46 15.39 -16.54
C ASN A 305 -3.31 15.76 -18.01
N THR A 306 -3.10 17.03 -18.27
CA THR A 306 -2.98 17.51 -19.65
C THR A 306 -1.57 17.36 -20.24
N ALA A 307 -0.61 16.91 -19.43
CA ALA A 307 0.73 16.70 -19.95
C ALA A 307 0.75 15.61 -21.03
N SER A 308 1.63 15.74 -22.01
CA SER A 308 1.79 14.72 -23.05
C SER A 308 2.27 13.40 -22.44
N ALA A 309 2.03 12.30 -23.15
CA ALA A 309 2.50 10.99 -22.67
C ALA A 309 4.00 11.01 -22.43
N ASP A 310 4.77 11.66 -23.31
CA ASP A 310 6.21 11.71 -23.11
C ASP A 310 6.64 12.54 -21.88
N GLU A 311 5.93 13.64 -21.63
CA GLU A 311 6.17 14.42 -20.42
C GLU A 311 5.81 13.63 -19.17
N GLN A 312 4.73 12.85 -19.25
CA GLN A 312 4.25 12.01 -18.12
C GLN A 312 5.29 10.91 -17.81
N LYS A 313 5.79 10.25 -18.85
CA LYS A 313 6.80 9.23 -18.63
C LYS A 313 8.04 9.84 -17.94
N ALA A 314 8.49 11.00 -18.41
CA ALA A 314 9.64 11.66 -17.79
C ALA A 314 9.37 12.02 -16.32
N ALA A 315 8.15 12.49 -16.04
CA ALA A 315 7.77 12.84 -14.68
C ALA A 315 7.67 11.61 -13.77
N LEU A 316 7.19 10.48 -14.29
CA LEU A 316 7.18 9.25 -13.48
C LEU A 316 8.60 8.91 -13.08
N THR A 317 9.53 8.87 -14.05
CA THR A 317 10.91 8.56 -13.73
C THR A 317 11.49 9.54 -12.70
N ALA A 318 11.26 10.83 -12.91
CA ALA A 318 11.79 11.85 -12.00
C ALA A 318 11.21 11.72 -10.58
N SER A 319 9.92 11.41 -10.48
CA SER A 319 9.31 11.26 -9.16
C SER A 319 9.91 10.10 -8.40
N LEU A 320 10.14 8.99 -9.09
CA LEU A 320 10.67 7.81 -8.43
C LEU A 320 12.16 7.97 -8.13
N LYS A 321 12.89 8.64 -9.03
CA LYS A 321 14.30 8.98 -8.78
C LYS A 321 14.45 9.77 -7.47
N GLN A 322 13.63 10.81 -7.34
CA GLN A 322 13.71 11.66 -6.16
C GLN A 322 13.21 10.93 -4.92
N LEU A 323 12.19 10.07 -5.05
CA LEU A 323 11.71 9.22 -3.95
C LEU A 323 12.86 8.35 -3.42
N VAL A 324 13.56 7.69 -4.35
CA VAL A 324 14.67 6.84 -3.99
C VAL A 324 15.82 7.61 -3.34
N GLN A 325 16.11 8.81 -3.83
CA GLN A 325 17.14 9.62 -3.22
C GLN A 325 16.78 10.01 -1.78
N ILE A 326 15.51 10.33 -1.55
CA ILE A 326 15.03 10.59 -0.17
C ILE A 326 15.23 9.35 0.69
N ALA A 327 14.76 8.20 0.21
CA ALA A 327 14.93 6.96 0.96
C ALA A 327 16.39 6.65 1.28
N ARG A 328 17.26 6.83 0.29
CA ARG A 328 18.69 6.58 0.47
CA ARG A 328 18.70 6.59 0.50
C ARG A 328 19.25 7.47 1.60
N SER A 329 18.88 8.75 1.56
CA SER A 329 19.39 9.71 2.55
C SER A 329 18.97 9.38 3.95
N LYS A 330 17.82 8.72 4.06
CA LYS A 330 17.22 8.37 5.33
C LYS A 330 17.46 6.94 5.79
N GLY A 331 18.13 6.14 4.98
CA GLY A 331 18.35 4.73 5.29
C GLY A 331 17.07 3.90 5.29
N LYS A 332 16.14 4.21 4.37
CA LYS A 332 14.85 3.53 4.25
C LYS A 332 14.77 2.82 2.89
N ILE A 333 13.62 2.24 2.60
CA ILE A 333 13.31 1.60 1.32
C ILE A 333 12.17 2.37 0.68
N ALA A 334 12.27 2.61 -0.62
CA ALA A 334 11.21 3.29 -1.37
C ALA A 334 10.31 2.27 -2.09
N ALA A 335 9.08 2.70 -2.36
CA ALA A 335 8.10 1.87 -3.10
C ALA A 335 7.04 2.74 -3.73
N LEU A 336 6.50 2.28 -4.87
CA LEU A 336 5.38 2.91 -5.52
C LEU A 336 4.15 2.18 -4.99
N THR A 337 3.62 2.74 -3.90
CA THR A 337 2.64 2.04 -3.09
C THR A 337 1.22 2.03 -3.69
N GLU A 338 0.93 2.96 -4.59
CA GLU A 338 -0.29 2.87 -5.40
C GLU A 338 -0.04 3.51 -6.75
N THR A 339 -0.56 2.87 -7.80
CA THR A 339 -0.58 3.42 -9.13
C THR A 339 -1.62 2.64 -9.94
N GLY A 340 -1.74 3.04 -11.20
CA GLY A 340 -2.53 2.31 -12.18
C GLY A 340 -3.30 3.20 -13.11
N ASN A 341 -3.86 2.58 -14.12
CA ASN A 341 -4.65 3.24 -15.17
C ASN A 341 -6.07 2.63 -15.09
N ASN A 342 -7.03 3.37 -14.52
CA ASN A 342 -8.38 2.82 -14.30
C ASN A 342 -9.01 2.42 -15.62
N ARG A 343 -9.44 1.16 -15.67
CA ARG A 343 -10.08 0.50 -16.82
C ARG A 343 -9.09 0.19 -17.95
N LEU A 344 -7.78 0.41 -17.72
CA LEU A 344 -6.75 -0.11 -18.62
C LEU A 344 -7.06 0.19 -20.08
N THR A 345 -7.23 1.49 -20.31
CA THR A 345 -7.52 2.07 -21.60
C THR A 345 -6.27 2.44 -22.44
N ILE A 346 -5.09 2.42 -21.82
CA ILE A 346 -3.85 2.81 -22.50
C ILE A 346 -3.19 1.59 -23.11
N ASP A 347 -2.98 1.63 -24.42
CA ASP A 347 -2.30 0.54 -25.12
CA ASP A 347 -2.29 0.54 -25.12
C ASP A 347 -0.91 0.27 -24.52
N ASN A 348 -0.59 -1.01 -24.30
CA ASN A 348 0.70 -1.39 -23.73
C ASN A 348 1.01 -0.62 -22.45
N PHE A 349 -0.01 -0.43 -21.61
CA PHE A 349 0.17 0.31 -20.38
C PHE A 349 1.37 -0.20 -19.56
N TRP A 350 1.43 -1.52 -19.40
CA TRP A 350 2.34 -2.12 -18.42
C TRP A 350 3.81 -1.93 -18.81
N THR A 351 4.12 -2.22 -20.06
CA THR A 351 5.51 -2.13 -20.49
C THR A 351 5.90 -0.69 -20.84
N GLU A 352 4.99 0.08 -21.43
CA GLU A 352 5.37 1.42 -21.92
C GLU A 352 5.21 2.52 -20.89
N ARG A 353 4.20 2.40 -20.02
CA ARG A 353 3.93 3.46 -19.04
C ARG A 353 4.41 3.19 -17.62
N LEU A 354 4.63 1.92 -17.28
CA LEU A 354 5.14 1.58 -15.96
C LEU A 354 6.55 1.04 -16.00
N LEU A 355 6.73 -0.12 -16.61
CA LEU A 355 8.05 -0.72 -16.54
C LEU A 355 9.14 0.12 -17.25
N GLY A 356 8.84 0.66 -18.42
CA GLY A 356 9.82 1.43 -19.18
C GLY A 356 10.38 2.63 -18.38
N PRO A 357 9.49 3.48 -17.87
CA PRO A 357 9.98 4.64 -17.10
C PRO A 357 10.69 4.28 -15.79
N ILE A 358 10.28 3.16 -15.17
CA ILE A 358 10.96 2.72 -13.95
C ILE A 358 12.38 2.27 -14.28
N SER A 359 12.51 1.50 -15.36
CA SER A 359 13.77 0.89 -15.73
CA SER A 359 13.76 0.88 -15.74
C SER A 359 14.73 1.87 -16.42
N ALA A 360 14.25 3.07 -16.79
CA ALA A 360 15.06 4.06 -17.52
C ALA A 360 16.19 4.66 -16.73
N ASP A 361 16.04 4.65 -15.41
CA ASP A 361 16.94 5.34 -14.49
C ASP A 361 17.27 4.42 -13.35
N ALA A 362 18.56 4.28 -13.02
CA ALA A 362 19.00 3.29 -12.02
C ALA A 362 18.60 3.69 -10.61
N ASP A 363 18.37 4.97 -10.35
CA ASP A 363 17.76 5.39 -9.07
C ASP A 363 16.28 5.01 -9.02
N ALA A 364 15.55 5.43 -10.05
CA ALA A 364 14.11 5.11 -10.09
C ALA A 364 13.85 3.61 -9.92
N SER A 365 14.75 2.81 -10.53
CA SER A 365 14.61 1.37 -10.48
CA SER A 365 14.55 1.37 -10.48
C SER A 365 14.77 0.75 -9.11
N GLU A 366 15.35 1.51 -8.17
CA GLU A 366 15.60 0.95 -6.83
CA GLU A 366 15.62 1.04 -6.82
C GLU A 366 14.38 0.95 -5.91
N ILE A 367 13.21 1.31 -6.41
CA ILE A 367 11.98 1.00 -5.67
C ILE A 367 11.86 -0.52 -5.51
N ALA A 368 11.25 -0.94 -4.39
CA ALA A 368 11.15 -2.36 -4.08
C ALA A 368 9.90 -3.03 -4.68
N TYR A 369 8.81 -2.28 -4.79
CA TYR A 369 7.56 -2.85 -5.29
C TYR A 369 6.70 -1.76 -5.88
N VAL A 370 5.72 -2.22 -6.65
CA VAL A 370 4.68 -1.39 -7.25
C VAL A 370 3.34 -2.09 -7.06
N MET A 371 2.33 -1.38 -6.53
CA MET A 371 1.01 -1.98 -6.32
C MET A 371 -0.03 -1.20 -7.10
N VAL A 372 -0.93 -1.92 -7.78
CA VAL A 372 -2.09 -1.32 -8.43
C VAL A 372 -3.36 -1.62 -7.65
N TRP A 373 -4.38 -0.78 -7.86
CA TRP A 373 -5.61 -0.84 -7.05
C TRP A 373 -6.56 -1.95 -7.52
N ARG A 374 -7.73 -2.03 -6.87
CA ARG A 374 -8.60 -3.20 -6.90
C ARG A 374 -9.37 -3.35 -8.20
N ASN A 375 -9.81 -4.59 -8.43
CA ASN A 375 -10.65 -4.97 -9.59
C ASN A 375 -12.09 -5.14 -9.12
N ALA A 376 -12.77 -4.00 -9.05
CA ALA A 376 -14.14 -3.98 -8.47
C ALA A 376 -15.06 -4.91 -9.26
N ASN A 377 -15.98 -5.57 -8.53
CA ASN A 377 -16.89 -6.54 -9.11
C ASN A 377 -18.09 -5.82 -9.74
N LEU A 378 -18.28 -6.03 -11.04
CA LEU A 378 -19.32 -5.32 -11.80
C LEU A 378 -20.76 -5.67 -11.36
N ALA A 379 -20.97 -6.95 -11.02
CA ALA A 379 -22.33 -7.45 -10.70
C ALA A 379 -22.85 -6.76 -9.49
N ARG A 380 -21.97 -6.28 -8.62
CA ARG A 380 -22.48 -5.56 -7.46
C ARG A 380 -22.05 -4.12 -7.25
N GLU A 381 -21.11 -3.55 -8.02
N GLU A 381 -21.04 -3.73 -8.01
CA GLU A 381 -20.59 -2.13 -7.71
CA GLU A 381 -20.67 -2.35 -8.08
C GLU A 381 -20.88 -0.93 -8.71
C GLU A 381 -20.92 -1.87 -9.47
N LYS A 382 -21.88 -1.03 -9.54
CA LYS A 382 -22.27 -0.38 -10.80
C LYS A 382 -21.33 0.51 -11.57
N SER A 383 -20.21 0.93 -10.99
CA SER A 383 -19.19 1.75 -11.64
C SER A 383 -18.02 0.87 -11.98
N GLU A 384 -17.70 0.77 -13.27
CA GLU A 384 -16.56 -0.03 -13.75
C GLU A 384 -15.25 0.55 -13.28
N GLN A 385 -14.48 -0.26 -12.55
CA GLN A 385 -13.26 0.22 -11.90
C GLN A 385 -12.34 -0.99 -11.79
N PHE A 386 -11.17 -0.89 -12.44
CA PHE A 386 -10.21 -1.98 -12.30
C PHE A 386 -8.84 -1.52 -12.75
N PHE A 387 -7.81 -2.14 -12.17
CA PHE A 387 -6.44 -1.71 -12.43
C PHE A 387 -5.50 -2.82 -12.85
N ALA A 388 -5.91 -4.08 -12.72
CA ALA A 388 -5.19 -5.20 -13.31
C ALA A 388 -6.12 -5.79 -14.38
N PRO A 389 -5.57 -6.45 -15.39
CA PRO A 389 -6.46 -7.03 -16.39
C PRO A 389 -7.12 -8.33 -15.88
N PHE A 390 -8.03 -8.82 -16.73
CA PHE A 390 -8.68 -10.12 -16.57
C PHE A 390 -8.64 -10.74 -17.97
N PRO A 391 -8.88 -12.05 -18.10
CA PRO A 391 -8.75 -12.65 -19.42
C PRO A 391 -9.62 -11.96 -20.48
N GLY A 392 -9.01 -11.67 -21.62
CA GLY A 392 -9.68 -10.97 -22.70
C GLY A 392 -9.60 -9.47 -22.67
N GLN A 393 -9.17 -8.88 -21.55
CA GLN A 393 -9.08 -7.42 -21.47
C GLN A 393 -7.92 -6.98 -22.40
N ALA A 394 -8.02 -5.78 -22.96
CA ALA A 394 -7.07 -5.35 -24.01
C ALA A 394 -5.61 -5.35 -23.63
N THR A 395 -5.30 -5.07 -22.35
CA THR A 395 -3.90 -5.05 -21.91
C THR A 395 -3.39 -6.38 -21.37
N ALA A 396 -4.16 -7.46 -21.49
CA ALA A 396 -3.76 -8.72 -20.91
C ALA A 396 -2.43 -9.25 -21.46
N ASP A 397 -2.22 -9.22 -22.78
CA ASP A 397 -0.95 -9.70 -23.30
C ASP A 397 0.24 -8.84 -22.87
N ASP A 398 0.03 -7.52 -22.82
CA ASP A 398 1.10 -6.63 -22.33
C ASP A 398 1.39 -6.87 -20.84
N PHE A 399 0.35 -7.22 -20.07
CA PHE A 399 0.59 -7.59 -18.66
C PHE A 399 1.33 -8.90 -18.56
N LYS A 400 1.05 -9.86 -19.45
CA LYS A 400 1.92 -11.06 -19.55
CA LYS A 400 1.94 -11.05 -19.50
C LYS A 400 3.40 -10.68 -19.79
N ARG A 401 3.61 -9.74 -20.69
CA ARG A 401 5.00 -9.27 -20.93
C ARG A 401 5.62 -8.62 -19.68
N PHE A 402 4.84 -7.86 -18.97
CA PHE A 402 5.29 -7.23 -17.71
C PHE A 402 5.70 -8.31 -16.69
N TYR A 403 4.84 -9.30 -16.52
CA TYR A 403 5.13 -10.49 -15.72
C TYR A 403 6.40 -11.20 -16.15
N GLN A 404 6.53 -11.40 -17.45
CA GLN A 404 7.63 -12.16 -18.01
C GLN A 404 8.97 -11.48 -17.84
N SER A 405 8.97 -10.18 -17.68
CA SER A 405 10.23 -9.47 -17.59
CA SER A 405 10.21 -9.40 -17.53
C SER A 405 11.09 -9.97 -16.44
N GLU A 406 12.40 -10.08 -16.68
CA GLU A 406 13.28 -10.55 -15.62
C GLU A 406 13.21 -9.65 -14.37
N VAL A 407 12.95 -8.37 -14.56
CA VAL A 407 12.92 -7.44 -13.45
C VAL A 407 11.75 -7.71 -12.50
N VAL A 408 10.57 -7.94 -13.06
CA VAL A 408 9.33 -8.02 -12.28
C VAL A 408 9.14 -9.39 -11.66
N LEU A 409 8.86 -9.41 -10.36
CA LEU A 409 8.58 -10.66 -9.67
C LEU A 409 7.12 -10.69 -9.19
N PHE A 410 6.46 -11.79 -9.56
CA PHE A 410 5.18 -12.18 -8.99
C PHE A 410 5.47 -13.28 -7.93
N GLU A 411 4.41 -13.82 -7.31
CA GLU A 411 4.58 -14.76 -6.19
C GLU A 411 5.45 -15.96 -6.58
N ASP A 412 5.30 -16.42 -7.83
CA ASP A 412 5.91 -17.65 -8.27
C ASP A 412 7.41 -17.67 -8.35
N GLU A 413 8.03 -16.48 -8.42
CA GLU A 413 9.49 -16.41 -8.50
C GLU A 413 10.11 -15.64 -7.36
N LEU A 414 9.38 -15.40 -6.28
CA LEU A 414 9.99 -14.78 -5.11
C LEU A 414 11.04 -15.70 -4.48
N PRO A 415 12.17 -15.10 -4.03
CA PRO A 415 13.03 -15.84 -3.14
C PRO A 415 12.36 -15.98 -1.79
N PRO A 416 12.94 -16.79 -0.89
CA PRO A 416 12.39 -16.89 0.44
C PRO A 416 12.62 -15.59 1.22
N LEU A 417 11.55 -14.80 1.36
CA LEU A 417 11.68 -13.47 1.95
C LEU A 417 11.72 -13.45 3.46
N TYR A 418 11.35 -14.54 4.10
CA TYR A 418 11.10 -14.55 5.54
C TYR A 418 12.16 -15.29 6.34
N ARG A 419 13.27 -15.63 5.67
CA ARG A 419 14.44 -16.25 6.32
C ARG A 419 15.67 -15.36 6.06
NA NA B . 13.66 -2.33 -7.93
NA NA C . 9.27 -11.69 -14.19
C1 BMA D . -11.23 3.71 -3.79
C2 BMA D . -12.38 3.09 -4.55
C3 BMA D . -13.57 2.91 -3.61
C4 BMA D . -13.18 2.05 -2.42
C5 BMA D . -11.92 2.62 -1.77
C6 BMA D . -11.37 1.70 -0.67
O2 BMA D . -12.02 1.83 -5.11
O3 BMA D . -14.66 2.30 -4.34
O4 BMA D . -14.25 1.98 -1.47
O5 BMA D . -10.87 2.82 -2.72
O6 BMA D . -11.02 0.42 -1.20
C1 MVL E . -6.58 5.74 -4.28
N10 MVL E . -7.25 5.76 -5.42
C3 MVL E . -8.45 4.67 -3.09
C4 MVL E . -9.18 4.79 -4.43
C5 MVL E . -8.28 4.74 -5.68
C6 MVL E . -9.00 4.98 -6.99
C7 MVL E . -5.87 7.45 -5.48
C8 MVL E . -6.83 6.80 -6.21
N1 MVL E . -5.71 6.77 -4.31
O3 MVL E . -8.88 5.75 -2.23
O2 MVL E . -6.25 4.92 -2.03
O4 MVL E . -10.16 3.79 -4.61
C2 MVL E . -6.94 4.69 -3.26
O6 MVL E . -9.78 6.18 -7.02
#